data_6P7A
#
_entry.id   6P7A
#
_cell.length_a   82.620
_cell.length_b   82.620
_cell.length_c   68.756
_cell.angle_alpha   90.00
_cell.angle_beta   90.00
_cell.angle_gamma   120.00
#
_symmetry.space_group_name_H-M   'P 32'
#
loop_
_entity.id
_entity.type
_entity.pdbx_description
1 polymer 'Holliday junction resolvase'
2 non-polymer 'CADMIUM ION'
#
_entity_poly.entity_id   1
_entity_poly.type   'polypeptide(L)'
_entity_poly.pdbx_seq_one_letter_code
;MIICSVDIGIKNPAYAIFNYDNTSNTIKLIAIEKSDWTKNWERSVARDLTRYNPDVVILEKQGFASPNSKIIYFIKGFFY
NSNTKVIVRNPTFKGGSYRNRAAASIDVFIQKISEYTDYKNDILNKYTKLDDIANSFNLGLSYMESLL
;
_entity_poly.pdbx_strand_id   A,B
#
# COMPACT_ATOMS: atom_id res chain seq x y z
N MET A 1 3.87 -2.07 25.72
CA MET A 1 3.95 -2.36 24.29
C MET A 1 2.69 -3.10 23.82
N ILE A 2 2.12 -2.63 22.72
CA ILE A 2 0.90 -3.20 22.16
C ILE A 2 1.23 -3.79 20.80
N ILE A 3 0.82 -5.05 20.59
CA ILE A 3 1.12 -5.79 19.38
C ILE A 3 -0.18 -6.10 18.66
N CYS A 4 -0.19 -5.90 17.33
CA CYS A 4 -1.37 -6.10 16.50
C CYS A 4 -1.03 -7.08 15.39
N SER A 5 -1.54 -8.30 15.49
CA SER A 5 -1.43 -9.28 14.41
C SER A 5 -2.72 -9.28 13.61
N VAL A 6 -2.61 -9.45 12.29
CA VAL A 6 -3.75 -9.27 11.41
C VAL A 6 -3.77 -10.42 10.41
N ASP A 7 -4.80 -11.27 10.50
CA ASP A 7 -5.13 -12.19 9.42
C ASP A 7 -5.91 -11.41 8.36
N ILE A 8 -5.35 -11.37 7.15
CA ILE A 8 -5.78 -10.43 6.12
C ILE A 8 -6.81 -11.10 5.20
N GLY A 9 -7.96 -10.44 5.05
CA GLY A 9 -8.98 -10.88 4.12
C GLY A 9 -9.96 -9.75 3.91
N ILE A 10 -10.68 -9.81 2.79
CA ILE A 10 -11.64 -8.77 2.47
C ILE A 10 -12.97 -9.09 3.12
N LYS A 11 -13.54 -10.25 2.77
CA LYS A 11 -14.81 -10.67 3.35
C LYS A 11 -14.65 -11.28 4.73
N ASN A 12 -13.46 -11.78 5.07
CA ASN A 12 -13.21 -12.41 6.36
C ASN A 12 -11.85 -11.98 6.90
N PRO A 13 -11.72 -10.73 7.34
CA PRO A 13 -10.51 -10.32 8.06
C PRO A 13 -10.63 -10.64 9.55
N ALA A 14 -9.47 -10.69 10.20
CA ALA A 14 -9.43 -10.91 11.64
C ALA A 14 -8.19 -10.23 12.21
N TYR A 15 -8.25 -9.86 13.49
CA TYR A 15 -7.11 -9.24 14.13
C TYR A 15 -7.05 -9.67 15.59
N ALA A 16 -5.83 -9.89 16.07
CA ALA A 16 -5.55 -10.22 17.46
C ALA A 16 -4.67 -9.13 18.05
N ILE A 17 -5.00 -8.72 19.27
CA ILE A 17 -4.31 -7.62 19.93
C ILE A 17 -3.74 -8.14 21.25
N PHE A 18 -2.42 -8.06 21.38
CA PHE A 18 -1.71 -8.55 22.55
C PHE A 18 -1.05 -7.39 23.26
N ASN A 19 -0.83 -7.53 24.56
CA ASN A 19 -0.05 -6.57 25.33
C ASN A 19 1.24 -7.27 25.77
N TYR A 20 2.38 -6.69 25.39
CA TYR A 20 3.69 -7.27 25.64
C TYR A 20 4.39 -6.49 26.74
N ASP A 21 4.67 -7.15 27.85
CA ASP A 21 5.40 -6.57 28.97
C ASP A 21 6.80 -7.18 28.98
N ASN A 22 7.76 -6.49 28.38
CA ASN A 22 9.13 -6.99 28.31
C ASN A 22 9.73 -7.16 29.70
N THR A 23 9.25 -6.41 30.68
CA THR A 23 9.77 -6.50 32.03
C THR A 23 9.45 -7.86 32.65
N SER A 24 8.19 -8.27 32.61
CA SER A 24 7.76 -9.52 33.23
C SER A 24 7.89 -10.72 32.29
N ASN A 25 8.27 -10.50 31.03
CA ASN A 25 8.37 -11.57 30.04
C ASN A 25 7.06 -12.32 29.87
N THR A 26 5.94 -11.63 30.06
CA THR A 26 4.61 -12.22 29.99
C THR A 26 3.83 -11.59 28.84
N ILE A 27 2.72 -12.26 28.49
CA ILE A 27 1.90 -11.87 27.34
C ILE A 27 0.44 -11.98 27.76
N LYS A 28 -0.35 -10.97 27.43
CA LYS A 28 -1.77 -10.95 27.77
C LYS A 28 -2.59 -10.64 26.53
N LEU A 29 -3.59 -11.47 26.26
CA LEU A 29 -4.53 -11.23 25.17
C LEU A 29 -5.57 -10.21 25.57
N ILE A 30 -5.74 -9.18 24.73
CA ILE A 30 -6.66 -8.09 25.00
C ILE A 30 -7.99 -8.35 24.29
N ALA A 31 -7.94 -8.52 22.97
CA ALA A 31 -9.16 -8.71 22.20
C ALA A 31 -8.83 -9.33 20.85
N ILE A 32 -9.65 -10.30 20.44
CA ILE A 32 -9.65 -10.80 19.07
C ILE A 32 -11.06 -10.62 18.53
N GLU A 33 -11.15 -9.99 17.35
CA GLU A 33 -12.44 -9.71 16.74
C GLU A 33 -12.37 -10.01 15.26
N LYS A 34 -13.50 -10.46 14.70
CA LYS A 34 -13.62 -10.64 13.26
C LYS A 34 -14.22 -9.37 12.67
N SER A 35 -13.59 -8.87 11.61
CA SER A 35 -13.93 -7.57 11.04
C SER A 35 -14.62 -7.75 9.68
N ASP A 36 -14.90 -6.62 9.04
CA ASP A 36 -15.56 -6.59 7.75
C ASP A 36 -14.94 -5.48 6.93
N TRP A 37 -14.30 -5.84 5.82
CA TRP A 37 -13.57 -4.89 4.97
C TRP A 37 -14.16 -4.84 3.56
N THR A 38 -15.45 -5.12 3.43
CA THR A 38 -16.10 -5.12 2.13
C THR A 38 -16.59 -3.74 1.72
N LYS A 39 -16.75 -2.81 2.66
CA LYS A 39 -17.22 -1.45 2.38
C LYS A 39 -16.09 -0.49 2.72
N ASN A 40 -15.44 0.05 1.68
CA ASN A 40 -14.28 0.92 1.83
C ASN A 40 -13.23 0.28 2.74
N TRP A 41 -12.55 -0.72 2.16
CA TRP A 41 -11.56 -1.47 2.90
C TRP A 41 -10.46 -0.57 3.43
N GLU A 42 -10.15 0.53 2.75
CA GLU A 42 -9.14 1.46 3.21
C GLU A 42 -9.53 2.04 4.57
N ARG A 43 -10.72 2.63 4.65
CA ARG A 43 -11.21 3.19 5.90
C ARG A 43 -11.37 2.11 6.97
N SER A 44 -11.87 0.93 6.57
CA SER A 44 -12.05 -0.15 7.54
C SER A 44 -10.72 -0.57 8.16
N VAL A 45 -9.69 -0.72 7.33
CA VAL A 45 -8.38 -1.14 7.83
C VAL A 45 -7.76 -0.06 8.70
N ALA A 46 -7.83 1.20 8.26
CA ALA A 46 -7.32 2.30 9.08
C ALA A 46 -7.99 2.31 10.44
N ARG A 47 -9.33 2.22 10.46
CA ARG A 47 -10.08 2.14 11.71
C ARG A 47 -9.60 0.99 12.59
N ASP A 48 -9.64 -0.23 12.05
CA ASP A 48 -9.35 -1.41 12.87
C ASP A 48 -7.93 -1.41 13.38
N LEU A 49 -6.98 -0.84 12.64
CA LEU A 49 -5.60 -0.85 13.10
C LEU A 49 -5.34 0.27 14.10
N THR A 50 -5.81 1.49 13.83
CA THR A 50 -5.60 2.57 14.78
C THR A 50 -6.48 2.45 16.01
N ARG A 51 -7.42 1.49 16.04
CA ARG A 51 -8.35 1.37 17.15
C ARG A 51 -7.63 1.26 18.50
N TYR A 52 -6.64 0.39 18.59
CA TYR A 52 -5.96 0.15 19.85
C TYR A 52 -4.58 0.80 19.92
N ASN A 53 -4.21 1.58 18.91
CA ASN A 53 -2.94 2.31 18.83
C ASN A 53 -1.77 1.36 19.06
N PRO A 54 -1.46 0.48 18.10
CA PRO A 54 -0.41 -0.51 18.31
C PRO A 54 0.98 0.07 18.13
N ASP A 55 1.94 -0.54 18.83
CA ASP A 55 3.35 -0.20 18.65
C ASP A 55 3.98 -0.97 17.51
N VAL A 56 3.50 -2.18 17.23
CA VAL A 56 4.00 -3.00 16.13
C VAL A 56 2.81 -3.71 15.49
N VAL A 57 2.86 -3.85 14.16
CA VAL A 57 1.81 -4.51 13.40
C VAL A 57 2.40 -5.71 12.69
N ILE A 58 1.73 -6.85 12.81
CA ILE A 58 2.18 -8.11 12.23
C ILE A 58 1.22 -8.47 11.11
N LEU A 59 1.73 -8.58 9.89
CA LEU A 59 0.92 -8.85 8.71
C LEU A 59 1.30 -10.19 8.11
N GLU A 60 0.31 -10.90 7.59
CA GLU A 60 0.53 -12.20 6.99
C GLU A 60 1.08 -12.05 5.58
N LYS A 61 2.13 -12.82 5.28
CA LYS A 61 2.73 -12.81 3.95
C LYS A 61 1.75 -13.35 2.92
N GLN A 62 1.60 -12.62 1.82
CA GLN A 62 0.70 -12.99 0.73
C GLN A 62 1.45 -12.84 -0.59
N GLY A 63 1.11 -13.72 -1.54
CA GLY A 63 1.67 -13.60 -2.86
C GLY A 63 1.14 -12.38 -3.59
N PHE A 64 1.90 -11.97 -4.62
CA PHE A 64 1.48 -10.81 -5.41
C PHE A 64 0.21 -11.09 -6.19
N ALA A 65 -0.05 -12.36 -6.52
CA ALA A 65 -1.27 -12.71 -7.23
C ALA A 65 -2.50 -12.73 -6.34
N SER A 66 -2.34 -12.54 -5.03
CA SER A 66 -3.49 -12.53 -4.14
C SER A 66 -4.03 -11.11 -3.98
N PRO A 67 -5.34 -10.95 -3.87
CA PRO A 67 -5.92 -9.59 -3.71
C PRO A 67 -5.75 -9.01 -2.32
N ASN A 68 -4.84 -9.56 -1.52
CA ASN A 68 -4.62 -9.11 -0.14
C ASN A 68 -3.32 -8.34 0.04
N SER A 69 -2.35 -8.53 -0.86
CA SER A 69 -1.13 -7.72 -0.81
C SER A 69 -1.45 -6.24 -0.90
N LYS A 70 -2.56 -5.88 -1.55
CA LYS A 70 -2.96 -4.47 -1.55
C LYS A 70 -3.21 -3.99 -0.13
N ILE A 71 -3.82 -4.82 0.72
CA ILE A 71 -4.00 -4.46 2.11
C ILE A 71 -2.67 -4.40 2.84
N ILE A 72 -1.79 -5.37 2.56
CA ILE A 72 -0.47 -5.37 3.18
C ILE A 72 0.23 -4.04 2.94
N TYR A 73 0.34 -3.65 1.67
CA TYR A 73 1.10 -2.46 1.32
C TYR A 73 0.36 -1.17 1.66
N PHE A 74 -0.98 -1.21 1.69
CA PHE A 74 -1.73 -0.07 2.21
C PHE A 74 -1.37 0.17 3.67
N ILE A 75 -1.31 -0.90 4.47
CA ILE A 75 -0.93 -0.75 5.88
C ILE A 75 0.51 -0.24 5.98
N LYS A 76 1.40 -0.79 5.15
CA LYS A 76 2.81 -0.37 5.20
C LYS A 76 2.95 1.12 4.91
N GLY A 77 2.26 1.62 3.88
CA GLY A 77 2.26 3.05 3.63
C GLY A 77 1.55 3.84 4.70
N PHE A 78 0.52 3.25 5.31
CA PHE A 78 -0.28 3.97 6.30
C PHE A 78 0.50 4.22 7.58
N PHE A 79 1.40 3.32 7.94
CA PHE A 79 2.21 3.48 9.14
C PHE A 79 3.66 3.88 8.83
N TYR A 80 3.94 4.32 7.62
CA TYR A 80 5.31 4.65 7.27
C TYR A 80 5.75 5.94 7.97
N ASN A 81 7.02 5.99 8.37
CA ASN A 81 7.62 7.10 9.11
C ASN A 81 6.90 7.40 10.43
N SER A 82 5.98 6.53 10.84
CA SER A 82 5.28 6.70 12.10
C SER A 82 6.08 5.99 13.20
N ASN A 83 5.49 5.87 14.39
CA ASN A 83 6.15 5.17 15.49
C ASN A 83 5.66 3.73 15.63
N THR A 84 5.04 3.19 14.59
CA THR A 84 4.54 1.81 14.58
C THR A 84 5.32 1.01 13.56
N LYS A 85 5.93 -0.08 14.00
CA LYS A 85 6.70 -0.96 13.12
C LYS A 85 5.77 -1.95 12.44
N VAL A 86 5.92 -2.11 11.13
CA VAL A 86 5.11 -3.03 10.34
C VAL A 86 5.99 -4.17 9.89
N ILE A 87 5.68 -5.38 10.37
CA ILE A 87 6.46 -6.58 10.08
C ILE A 87 5.56 -7.58 9.38
N VAL A 88 6.04 -8.10 8.25
CA VAL A 88 5.35 -9.16 7.51
C VAL A 88 5.94 -10.49 7.94
N ARG A 89 5.08 -11.43 8.34
CA ARG A 89 5.50 -12.72 8.84
C ARG A 89 4.95 -13.84 7.95
N ASN A 90 5.65 -14.97 7.98
CA ASN A 90 5.23 -16.13 7.22
C ASN A 90 3.96 -16.73 7.82
N PRO A 91 3.15 -17.43 7.03
CA PRO A 91 2.02 -18.17 7.60
C PRO A 91 2.48 -19.17 8.63
N THR A 92 1.82 -19.18 9.78
CA THR A 92 2.23 -20.01 10.91
C THR A 92 2.17 -21.50 10.57
N GLY A 95 1.14 -26.96 4.96
CA GLY A 95 1.12 -28.36 4.59
C GLY A 95 -0.27 -28.92 4.42
N GLY A 96 -0.42 -29.87 3.50
CA GLY A 96 -1.72 -30.45 3.21
C GLY A 96 -2.67 -29.44 2.57
N SER A 97 -3.96 -29.72 2.74
CA SER A 97 -5.00 -28.84 2.22
C SER A 97 -5.23 -27.66 3.17
N TYR A 98 -5.90 -26.63 2.63
CA TYR A 98 -6.20 -25.47 3.46
C TYR A 98 -7.10 -25.84 4.62
N ARG A 99 -7.92 -26.89 4.46
CA ARG A 99 -8.79 -27.29 5.56
C ARG A 99 -7.99 -28.00 6.65
N ASN A 100 -6.96 -28.76 6.29
CA ASN A 100 -6.11 -29.36 7.31
C ASN A 100 -5.30 -28.29 8.02
N ARG A 101 -4.87 -27.25 7.27
CA ARG A 101 -4.16 -26.14 7.88
C ARG A 101 -5.04 -25.43 8.89
N ALA A 102 -6.29 -25.17 8.50
CA ALA A 102 -7.24 -24.50 9.38
C ALA A 102 -7.58 -25.37 10.59
N ALA A 103 -7.66 -26.70 10.39
CA ALA A 103 -7.98 -27.58 11.51
C ALA A 103 -6.85 -27.59 12.53
N ALA A 104 -5.60 -27.70 12.07
CA ALA A 104 -4.46 -27.63 12.99
C ALA A 104 -4.43 -26.28 13.71
N SER A 105 -4.70 -25.20 12.97
CA SER A 105 -4.70 -23.87 13.58
C SER A 105 -5.80 -23.74 14.62
N ILE A 106 -7.00 -24.25 14.32
CA ILE A 106 -8.11 -24.17 15.27
C ILE A 106 -7.82 -25.01 16.52
N ASP A 107 -7.19 -26.17 16.35
CA ASP A 107 -6.85 -26.98 17.51
C ASP A 107 -5.86 -26.25 18.41
N VAL A 108 -4.76 -25.77 17.82
CA VAL A 108 -3.76 -25.04 18.59
C VAL A 108 -4.40 -23.82 19.27
N PHE A 109 -5.29 -23.13 18.56
CA PHE A 109 -5.96 -21.97 19.12
C PHE A 109 -6.84 -22.33 20.31
N ILE A 110 -7.84 -23.19 20.06
CA ILE A 110 -8.82 -23.53 21.08
C ILE A 110 -8.17 -24.17 22.30
N GLN A 111 -6.95 -24.69 22.16
CA GLN A 111 -6.27 -25.24 23.32
C GLN A 111 -5.23 -24.30 23.93
N LYS A 112 -4.76 -23.30 23.21
CA LYS A 112 -3.68 -22.45 23.68
C LYS A 112 -4.18 -21.09 24.17
N ILE A 113 -5.35 -20.64 23.73
CA ILE A 113 -5.81 -19.30 24.09
C ILE A 113 -6.13 -19.22 25.59
N SER A 114 -6.52 -20.33 26.21
CA SER A 114 -6.92 -20.31 27.61
C SER A 114 -5.78 -19.89 28.53
N GLU A 115 -4.54 -20.04 28.09
CA GLU A 115 -3.38 -19.65 28.89
C GLU A 115 -3.20 -18.14 28.95
N TYR A 116 -3.90 -17.38 28.12
CA TYR A 116 -3.63 -15.96 27.94
C TYR A 116 -4.81 -15.06 28.23
N THR A 117 -6.05 -15.56 28.09
CA THR A 117 -7.23 -14.71 28.17
C THR A 117 -8.17 -15.02 29.33
N ASP A 118 -8.24 -16.28 29.77
CA ASP A 118 -9.20 -16.72 30.79
C ASP A 118 -10.64 -16.57 30.31
N TYR A 119 -10.84 -16.10 29.09
CA TYR A 119 -12.16 -15.80 28.55
C TYR A 119 -12.53 -16.75 27.41
N LYS A 120 -12.26 -18.04 27.59
CA LYS A 120 -12.41 -18.99 26.50
C LYS A 120 -13.88 -19.19 26.11
N ASN A 121 -14.76 -19.39 27.09
CA ASN A 121 -16.12 -19.81 26.80
C ASN A 121 -16.87 -18.78 25.97
N ASP A 122 -16.75 -17.50 26.32
CA ASP A 122 -17.47 -16.47 25.57
C ASP A 122 -16.87 -16.27 24.19
N ILE A 123 -15.55 -16.43 24.05
CA ILE A 123 -14.94 -16.36 22.72
C ILE A 123 -15.48 -17.48 21.83
N LEU A 124 -15.63 -18.68 22.38
CA LEU A 124 -16.15 -19.79 21.59
C LEU A 124 -17.64 -19.62 21.30
N ASN A 125 -18.39 -19.01 22.23
CA ASN A 125 -19.82 -18.84 22.03
C ASN A 125 -20.12 -17.76 21.00
N LYS A 126 -19.32 -16.69 21.00
CA LYS A 126 -19.59 -15.57 20.10
C LYS A 126 -19.28 -15.91 18.65
N TYR A 127 -18.10 -16.47 18.40
CA TYR A 127 -17.62 -16.75 17.04
C TYR A 127 -17.60 -18.25 16.81
N THR A 128 -18.40 -18.72 15.84
CA THR A 128 -18.47 -20.15 15.56
C THR A 128 -17.36 -20.59 14.60
N LYS A 129 -17.13 -19.85 13.53
CA LYS A 129 -16.05 -20.16 12.59
C LYS A 129 -14.74 -19.58 13.11
N LEU A 130 -13.77 -20.45 13.36
CA LEU A 130 -12.56 -20.08 14.10
C LEU A 130 -11.31 -20.02 13.22
N ASP A 131 -11.45 -20.17 11.90
CA ASP A 131 -10.31 -20.21 10.99
C ASP A 131 -9.40 -18.99 11.11
N ASP A 132 -9.90 -17.84 10.66
CA ASP A 132 -9.10 -16.62 10.62
C ASP A 132 -8.73 -16.14 12.02
N ILE A 133 -9.61 -16.39 12.99
CA ILE A 133 -9.32 -16.04 14.38
C ILE A 133 -8.07 -16.78 14.87
N ALA A 134 -8.09 -18.10 14.71
CA ALA A 134 -6.92 -18.92 15.05
C ALA A 134 -5.69 -18.47 14.28
N ASN A 135 -5.86 -18.11 13.00
CA ASN A 135 -4.72 -17.68 12.19
C ASN A 135 -4.08 -16.44 12.78
N SER A 136 -4.89 -15.42 13.11
CA SER A 136 -4.33 -14.19 13.66
C SER A 136 -3.69 -14.42 15.01
N PHE A 137 -4.34 -15.22 15.87
CA PHE A 137 -3.76 -15.52 17.18
C PHE A 137 -2.40 -16.20 17.04
N ASN A 138 -2.32 -17.23 16.20
CA ASN A 138 -1.07 -17.95 16.01
C ASN A 138 -0.02 -17.08 15.34
N LEU A 139 -0.44 -16.13 14.48
CA LEU A 139 0.52 -15.22 13.87
C LEU A 139 1.15 -14.31 14.92
N GLY A 140 0.33 -13.73 15.79
CA GLY A 140 0.87 -12.94 16.89
C GLY A 140 1.81 -13.74 17.77
N LEU A 141 1.44 -14.99 18.07
CA LEU A 141 2.31 -15.83 18.89
C LEU A 141 3.63 -16.12 18.19
N SER A 142 3.57 -16.41 16.88
CA SER A 142 4.79 -16.72 16.14
C SER A 142 5.71 -15.52 16.09
N TYR A 143 5.15 -14.31 15.99
CA TYR A 143 6.00 -13.13 16.09
C TYR A 143 6.64 -13.02 17.47
N MET A 144 5.84 -13.13 18.53
CA MET A 144 6.39 -12.90 19.87
C MET A 144 7.38 -13.98 20.28
N GLU A 145 7.32 -15.17 19.67
CA GLU A 145 8.32 -16.19 19.97
C GLU A 145 9.72 -15.71 19.60
N SER A 146 9.85 -14.91 18.55
CA SER A 146 11.14 -14.34 18.19
C SER A 146 11.61 -13.32 19.22
N LEU A 147 10.70 -12.72 19.98
CA LEU A 147 11.06 -11.74 20.99
C LEU A 147 11.63 -12.42 22.24
N MET B 1 -2.47 24.78 -6.97
CA MET B 1 -2.63 23.33 -6.97
C MET B 1 -1.45 22.65 -7.65
N ILE B 2 -0.91 21.62 -7.01
CA ILE B 2 0.26 20.89 -7.50
C ILE B 2 -0.16 19.47 -7.81
N ILE B 3 0.17 19.00 -9.02
CA ILE B 3 -0.25 17.69 -9.51
C ILE B 3 1.00 16.83 -9.72
N CYS B 4 0.93 15.59 -9.27
CA CYS B 4 2.05 14.64 -9.37
C CYS B 4 1.60 13.38 -10.09
N SER B 5 2.03 13.19 -11.33
CA SER B 5 1.79 11.96 -12.07
C SER B 5 3.03 11.09 -11.99
N VAL B 6 2.84 9.78 -11.90
CA VAL B 6 3.93 8.85 -11.63
C VAL B 6 3.80 7.63 -12.54
N ASP B 7 4.75 7.45 -13.45
CA ASP B 7 4.96 6.16 -14.10
C ASP B 7 5.74 5.27 -13.15
N ILE B 8 5.15 4.14 -12.77
CA ILE B 8 5.63 3.34 -11.66
C ILE B 8 6.54 2.24 -12.19
N GLY B 9 7.74 2.16 -11.64
CA GLY B 9 8.69 1.11 -11.97
C GLY B 9 9.78 1.04 -10.93
N ILE B 10 10.45 -0.10 -10.88
CA ILE B 10 11.52 -0.29 -9.90
C ILE B 10 12.83 0.24 -10.47
N LYS B 11 13.26 -0.33 -11.59
CA LYS B 11 14.51 0.11 -12.21
C LYS B 11 14.34 1.37 -13.05
N ASN B 12 13.12 1.66 -13.52
CA ASN B 12 12.86 2.85 -14.34
C ASN B 12 11.54 3.49 -13.95
N PRO B 13 11.49 4.13 -12.78
CA PRO B 13 10.34 4.97 -12.44
C PRO B 13 10.52 6.38 -13.00
N ALA B 14 9.40 7.08 -13.12
CA ALA B 14 9.43 8.45 -13.58
C ALA B 14 8.26 9.21 -12.98
N TYR B 15 8.42 10.53 -12.85
CA TYR B 15 7.34 11.35 -12.32
C TYR B 15 7.35 12.70 -13.01
N ALA B 16 6.15 13.21 -13.28
CA ALA B 16 5.95 14.53 -13.85
C ALA B 16 5.17 15.38 -12.86
N ILE B 17 5.60 16.63 -12.69
CA ILE B 17 5.03 17.53 -11.71
C ILE B 17 4.50 18.75 -12.43
N PHE B 18 3.21 19.00 -12.31
CA PHE B 18 2.53 20.09 -12.97
C PHE B 18 2.01 21.06 -11.92
N ASN B 19 1.87 22.32 -12.31
CA ASN B 19 1.23 23.33 -11.48
C ASN B 19 -0.08 23.73 -12.15
N TYR B 20 -1.18 23.59 -11.42
CA TYR B 20 -2.51 23.87 -11.93
C TYR B 20 -2.98 25.19 -11.34
N ASP B 21 -3.22 26.17 -12.19
CA ASP B 21 -3.71 27.49 -11.78
C ASP B 21 -5.16 27.58 -12.22
N ASN B 22 -6.07 27.29 -11.28
CA ASN B 22 -7.50 27.32 -11.59
C ASN B 22 -7.96 28.72 -11.98
N THR B 23 -7.25 29.76 -11.53
CA THR B 23 -7.63 31.12 -11.87
C THR B 23 -7.46 31.38 -13.36
N SER B 24 -6.28 31.08 -13.91
CA SER B 24 -5.99 31.33 -15.32
C SER B 24 -6.38 30.17 -16.23
N ASN B 25 -6.81 29.04 -15.66
CA ASN B 25 -7.16 27.85 -16.43
C ASN B 25 -5.99 27.37 -17.30
N THR B 26 -4.76 27.61 -16.84
CA THR B 26 -3.56 27.24 -17.57
C THR B 26 -2.77 26.20 -16.78
N ILE B 27 -1.81 25.59 -17.47
CA ILE B 27 -1.01 24.49 -16.93
C ILE B 27 0.44 24.72 -17.28
N LYS B 28 1.33 24.55 -16.31
CA LYS B 28 2.76 24.75 -16.51
C LYS B 28 3.53 23.53 -16.02
N LEU B 29 4.41 23.00 -16.86
CA LEU B 29 5.28 21.90 -16.48
C LEU B 29 6.45 22.43 -15.67
N ILE B 30 6.66 21.82 -14.49
CA ILE B 30 7.72 22.24 -13.58
C ILE B 30 8.95 21.36 -13.74
N ALA B 31 8.78 20.05 -13.59
CA ALA B 31 9.93 19.15 -13.66
C ALA B 31 9.46 17.73 -13.94
N ILE B 32 10.18 17.05 -14.83
CA ILE B 32 10.06 15.61 -15.02
C ILE B 32 11.43 15.01 -14.78
N GLU B 33 11.49 13.98 -13.94
CA GLU B 33 12.77 13.39 -13.56
C GLU B 33 12.67 11.87 -13.59
N LYS B 34 13.78 11.22 -13.93
CA LYS B 34 13.90 9.77 -13.86
C LYS B 34 14.45 9.38 -12.50
N SER B 35 13.79 8.44 -11.84
CA SER B 35 14.11 8.09 -10.46
C SER B 35 14.71 6.69 -10.40
N ASP B 36 14.99 6.24 -9.17
CA ASP B 36 15.58 4.94 -8.92
C ASP B 36 14.98 4.40 -7.63
N TRP B 37 14.26 3.28 -7.73
CA TRP B 37 13.55 2.70 -6.59
C TRP B 37 14.03 1.30 -6.27
N THR B 38 15.30 0.99 -6.59
CA THR B 38 15.84 -0.34 -6.34
C THR B 38 16.38 -0.52 -4.92
N LYS B 39 16.71 0.57 -4.24
CA LYS B 39 17.23 0.51 -2.88
C LYS B 39 16.23 1.19 -1.94
N ASN B 40 15.54 0.39 -1.14
CA ASN B 40 14.47 0.85 -0.25
C ASN B 40 13.46 1.69 -1.02
N TRP B 41 12.67 0.98 -1.83
CA TRP B 41 11.67 1.61 -2.66
C TRP B 41 10.67 2.41 -1.84
N GLU B 42 10.38 1.96 -0.61
CA GLU B 42 9.45 2.67 0.25
C GLU B 42 9.94 4.08 0.54
N ARG B 43 11.15 4.20 1.07
CA ARG B 43 11.72 5.51 1.36
C ARG B 43 11.90 6.33 0.09
N SER B 44 12.31 5.68 -1.00
CA SER B 44 12.50 6.41 -2.25
C SER B 44 11.20 7.01 -2.75
N VAL B 45 10.11 6.24 -2.69
CA VAL B 45 8.81 6.74 -3.13
C VAL B 45 8.31 7.85 -2.21
N ALA B 46 8.43 7.66 -0.90
CA ALA B 46 8.02 8.70 0.04
C ALA B 46 8.76 10.00 -0.25
N ARG B 47 10.09 9.91 -0.39
CA ARG B 47 10.90 11.07 -0.74
C ARG B 47 10.41 11.74 -2.02
N ASP B 48 10.34 10.97 -3.11
CA ASP B 48 10.05 11.54 -4.42
C ASP B 48 8.65 12.16 -4.46
N LEU B 49 7.71 11.61 -3.71
CA LEU B 49 6.36 12.17 -3.74
C LEU B 49 6.24 13.38 -2.84
N THR B 50 6.75 13.31 -1.61
CA THR B 50 6.65 14.45 -0.71
C THR B 50 7.59 15.59 -1.06
N ARG B 51 8.51 15.38 -2.02
CA ARG B 51 9.48 16.42 -2.35
C ARG B 51 8.80 17.74 -2.72
N TYR B 52 7.78 17.69 -3.57
CA TYR B 52 7.14 18.91 -4.05
C TYR B 52 5.81 19.18 -3.36
N ASN B 53 5.44 18.37 -2.36
CA ASN B 53 4.22 18.52 -1.58
C ASN B 53 3.01 18.62 -2.51
N PRO B 54 2.61 17.52 -3.15
CA PRO B 54 1.53 17.60 -4.13
C PRO B 54 0.16 17.65 -3.48
N ASP B 55 -0.78 18.27 -4.19
CA ASP B 55 -2.17 18.27 -3.76
C ASP B 55 -2.92 17.04 -4.27
N VAL B 56 -2.52 16.50 -5.42
CA VAL B 56 -3.11 15.30 -5.98
C VAL B 56 -2.01 14.46 -6.61
N VAL B 57 -2.12 13.14 -6.48
CA VAL B 57 -1.15 12.20 -7.03
C VAL B 57 -1.85 11.29 -8.01
N ILE B 58 -1.29 11.16 -9.21
CA ILE B 58 -1.86 10.34 -10.27
C ILE B 58 -0.96 9.15 -10.49
N LEU B 59 -1.51 7.95 -10.34
CA LEU B 59 -0.75 6.71 -10.45
C LEU B 59 -1.27 5.91 -11.63
N GLU B 60 -0.36 5.26 -12.35
CA GLU B 60 -0.73 4.46 -13.51
C GLU B 60 -1.27 3.11 -13.06
N LYS B 61 -2.44 2.73 -13.58
CA LYS B 61 -2.99 1.42 -13.29
C LYS B 61 -2.16 0.34 -13.96
N GLN B 62 -1.73 -0.64 -13.18
CA GLN B 62 -0.94 -1.74 -13.73
C GLN B 62 -1.41 -3.08 -13.18
N ALA B 65 -0.24 -8.66 -10.35
CA ALA B 65 0.85 -9.62 -10.25
C ALA B 65 2.20 -8.93 -10.47
N SER B 66 2.16 -7.65 -10.78
CA SER B 66 3.36 -6.87 -11.00
C SER B 66 3.85 -6.26 -9.69
N PRO B 67 5.17 -6.12 -9.53
CA PRO B 67 5.71 -5.55 -8.28
C PRO B 67 5.48 -4.06 -8.15
N ASN B 68 4.53 -3.52 -8.91
CA ASN B 68 4.24 -2.09 -8.88
C ASN B 68 2.92 -1.76 -8.18
N SER B 69 1.98 -2.70 -8.14
CA SER B 69 0.77 -2.48 -7.36
C SER B 69 1.10 -2.30 -5.89
N LYS B 70 2.19 -2.92 -5.42
CA LYS B 70 2.64 -2.68 -4.06
C LYS B 70 2.99 -1.20 -3.87
N ILE B 71 3.61 -0.59 -4.89
CA ILE B 71 3.90 0.83 -4.82
C ILE B 71 2.61 1.65 -4.85
N ILE B 72 1.67 1.25 -5.69
CA ILE B 72 0.37 1.94 -5.74
C ILE B 72 -0.25 2.01 -4.36
N TYR B 73 -0.39 0.85 -3.71
CA TYR B 73 -1.07 0.81 -2.43
C TYR B 73 -0.22 1.36 -1.29
N PHE B 74 1.11 1.29 -1.40
CA PHE B 74 1.97 1.99 -0.45
C PHE B 74 1.71 3.50 -0.51
N ILE B 75 1.61 4.05 -1.71
CA ILE B 75 1.31 5.47 -1.84
C ILE B 75 -0.08 5.78 -1.29
N LYS B 76 -1.05 4.91 -1.58
CA LYS B 76 -2.40 5.12 -1.10
C LYS B 76 -2.45 5.17 0.42
N GLY B 77 -1.78 4.23 1.08
CA GLY B 77 -1.70 4.29 2.53
C GLY B 77 -0.88 5.46 3.05
N PHE B 78 0.14 5.87 2.30
CA PHE B 78 1.02 6.94 2.75
C PHE B 78 0.32 8.29 2.73
N PHE B 79 -0.59 8.50 1.78
CA PHE B 79 -1.33 9.74 1.67
C PHE B 79 -2.77 9.64 2.15
N TYR B 80 -3.10 8.62 2.94
CA TYR B 80 -4.49 8.42 3.35
C TYR B 80 -4.94 9.52 4.30
N ASN B 81 -4.30 9.65 5.46
CA ASN B 81 -4.69 10.66 6.43
C ASN B 81 -4.18 12.06 6.07
N SER B 82 -3.61 12.25 4.90
CA SER B 82 -3.12 13.55 4.50
C SER B 82 -4.22 14.32 3.76
N ASN B 83 -3.87 15.49 3.23
CA ASN B 83 -4.77 16.30 2.42
C ASN B 83 -4.50 16.15 0.93
N THR B 84 -3.83 15.08 0.52
CA THR B 84 -3.47 14.84 -0.86
C THR B 84 -4.29 13.68 -1.40
N LYS B 85 -5.00 13.93 -2.50
CA LYS B 85 -5.84 12.91 -3.13
C LYS B 85 -5.00 12.05 -4.06
N VAL B 86 -5.17 10.74 -3.96
CA VAL B 86 -4.44 9.78 -4.78
C VAL B 86 -5.42 9.14 -5.73
N ILE B 87 -5.23 9.36 -7.03
CA ILE B 87 -6.11 8.86 -8.07
C ILE B 87 -5.31 7.94 -8.99
N VAL B 88 -5.81 6.73 -9.20
CA VAL B 88 -5.21 5.78 -10.13
C VAL B 88 -5.94 5.88 -11.45
N ARG B 89 -5.20 6.07 -12.53
CA ARG B 89 -5.76 6.22 -13.86
C ARG B 89 -5.26 5.13 -14.78
N ASN B 90 -6.03 4.87 -15.84
CA ASN B 90 -5.65 3.88 -16.83
C ASN B 90 -4.42 4.35 -17.61
N PRO B 91 -3.66 3.43 -18.19
CA PRO B 91 -2.56 3.83 -19.07
C PRO B 91 -3.07 4.70 -20.21
N THR B 92 -2.37 5.80 -20.45
CA THR B 92 -2.79 6.80 -21.43
C THR B 92 -2.88 6.22 -22.84
N GLY B 95 -3.78 0.31 -27.88
CA GLY B 95 -3.93 -0.03 -29.29
C GLY B 95 -2.72 -0.73 -29.86
N GLY B 96 -2.95 -1.63 -30.81
CA GLY B 96 -1.84 -2.38 -31.37
C GLY B 96 -1.23 -3.30 -30.33
N SER B 97 0.03 -3.62 -30.52
CA SER B 97 0.73 -4.43 -29.54
C SER B 97 1.20 -3.54 -28.38
N TYR B 98 1.52 -4.17 -27.26
CA TYR B 98 2.00 -3.44 -26.10
C TYR B 98 3.31 -2.72 -26.38
N ARG B 99 4.08 -3.20 -27.38
CA ARG B 99 5.35 -2.59 -27.73
C ARG B 99 5.17 -1.27 -28.48
N ASN B 100 4.09 -1.15 -29.26
CA ASN B 100 3.79 0.09 -30.00
C ASN B 100 3.40 1.23 -29.07
N ARG B 101 2.87 0.90 -27.88
CA ARG B 101 2.41 1.92 -26.95
C ARG B 101 3.52 2.89 -26.58
N ALA B 102 4.72 2.39 -26.29
CA ALA B 102 5.82 3.27 -25.91
C ALA B 102 6.21 4.21 -27.04
N ALA B 103 6.20 3.72 -28.28
CA ALA B 103 6.54 4.57 -29.42
C ALA B 103 5.50 5.66 -29.61
N ALA B 104 4.22 5.30 -29.56
CA ALA B 104 3.16 6.30 -29.65
C ALA B 104 3.28 7.33 -28.55
N SER B 105 3.59 6.88 -27.32
CA SER B 105 3.74 7.80 -26.20
C SER B 105 4.90 8.76 -26.42
N ILE B 106 6.04 8.24 -26.91
CA ILE B 106 7.19 9.11 -27.15
C ILE B 106 6.89 10.13 -28.23
N ASP B 107 6.17 9.72 -29.29
CA ASP B 107 5.81 10.68 -30.33
C ASP B 107 4.90 11.78 -29.80
N VAL B 108 3.82 11.39 -29.11
CA VAL B 108 2.90 12.36 -28.53
C VAL B 108 3.65 13.29 -27.58
N PHE B 109 4.60 12.74 -26.82
CA PHE B 109 5.39 13.54 -25.88
C PHE B 109 6.23 14.57 -26.61
N ILE B 110 7.13 14.11 -27.49
CA ILE B 110 8.03 15.00 -28.19
C ILE B 110 7.30 16.02 -29.02
N GLN B 111 6.02 15.78 -29.33
CA GLN B 111 5.28 16.78 -30.09
C GLN B 111 4.37 17.66 -29.24
N LYS B 112 4.04 17.25 -28.01
CA LYS B 112 3.09 18.01 -27.20
C LYS B 112 3.76 18.78 -26.07
N ILE B 113 4.96 18.39 -25.63
CA ILE B 113 5.57 19.02 -24.46
C ILE B 113 5.94 20.48 -24.71
N SER B 114 6.22 20.85 -25.97
CA SER B 114 6.71 22.20 -26.26
C SER B 114 5.72 23.29 -25.85
N GLU B 115 4.44 22.96 -25.74
CA GLU B 115 3.43 23.93 -25.35
C GLU B 115 3.45 24.27 -23.86
N TYR B 116 4.19 23.51 -23.05
CA TYR B 116 4.05 23.58 -21.60
C TYR B 116 5.32 23.95 -20.85
N THR B 117 6.50 23.67 -21.41
CA THR B 117 7.74 23.81 -20.66
C THR B 117 8.70 24.86 -21.21
N ASP B 118 8.73 25.08 -22.53
CA ASP B 118 9.69 25.95 -23.19
C ASP B 118 11.12 25.43 -23.02
N TYR B 119 11.27 24.32 -22.30
CA TYR B 119 12.57 23.73 -21.96
C TYR B 119 12.74 22.38 -22.64
N LYS B 120 12.33 22.29 -23.91
CA LYS B 120 12.29 21.00 -24.59
C LYS B 120 13.69 20.46 -24.84
N ASN B 121 14.60 21.31 -25.33
CA ASN B 121 15.90 20.83 -25.77
C ASN B 121 16.69 20.21 -24.61
N ASP B 122 16.67 20.85 -23.45
CA ASP B 122 17.42 20.33 -22.31
C ASP B 122 16.79 19.05 -21.76
N ILE B 123 15.45 18.94 -21.80
CA ILE B 123 14.81 17.70 -21.40
C ILE B 123 15.20 16.56 -22.32
N LEU B 124 15.27 16.82 -23.62
CA LEU B 124 15.66 15.78 -24.57
C LEU B 124 17.15 15.45 -24.46
N ASN B 125 17.99 16.44 -24.16
CA ASN B 125 19.42 16.18 -24.07
C ASN B 125 19.77 15.43 -22.79
N LYS B 126 19.08 15.73 -21.69
CA LYS B 126 19.40 15.08 -20.43
C LYS B 126 18.97 13.62 -20.45
N TYR B 127 17.74 13.35 -20.87
CA TYR B 127 17.16 12.02 -20.87
C TYR B 127 17.04 11.55 -22.32
N THR B 128 17.78 10.51 -22.67
CA THR B 128 17.72 9.98 -24.03
C THR B 128 16.57 8.99 -24.19
N LYS B 129 16.38 8.12 -23.20
CA LYS B 129 15.27 7.17 -23.21
C LYS B 129 14.02 7.88 -22.70
N LEU B 130 12.98 7.94 -23.54
CA LEU B 130 11.83 8.78 -23.29
C LEU B 130 10.58 8.01 -22.91
N ASP B 131 10.70 6.70 -22.70
CA ASP B 131 9.54 5.85 -22.40
C ASP B 131 8.78 6.34 -21.19
N ASP B 132 9.38 6.17 -20.01
CA ASP B 132 8.71 6.51 -18.75
C ASP B 132 8.44 8.01 -18.63
N ILE B 133 9.31 8.84 -19.17
CA ILE B 133 9.09 10.28 -19.17
C ILE B 133 7.80 10.63 -19.90
N ALA B 134 7.69 10.15 -21.15
CA ALA B 134 6.47 10.34 -21.92
C ALA B 134 5.26 9.76 -21.20
N ASN B 135 5.41 8.60 -20.58
CA ASN B 135 4.29 7.96 -19.89
C ASN B 135 3.76 8.86 -18.77
N SER B 136 4.66 9.37 -17.93
CA SER B 136 4.23 10.22 -16.82
C SER B 136 3.62 11.52 -17.31
N PHE B 137 4.24 12.14 -18.33
CA PHE B 137 3.71 13.37 -18.89
C PHE B 137 2.29 13.17 -19.43
N ASN B 138 2.09 12.13 -20.25
CA ASN B 138 0.78 11.87 -20.81
C ASN B 138 -0.23 11.47 -19.74
N LEU B 139 0.22 10.82 -18.67
CA LEU B 139 -0.69 10.46 -17.58
C LEU B 139 -1.20 11.71 -16.87
N GLY B 140 -0.29 12.63 -16.55
CA GLY B 140 -0.71 13.90 -15.97
C GLY B 140 -1.66 14.67 -16.88
N LEU B 141 -1.38 14.68 -18.18
CA LEU B 141 -2.25 15.38 -19.11
C LEU B 141 -3.64 14.73 -19.16
N SER B 142 -3.69 13.39 -19.19
CA SER B 142 -4.96 12.70 -19.26
C SER B 142 -5.79 12.94 -18.01
N TYR B 143 -5.14 13.04 -16.85
CA TYR B 143 -5.88 13.43 -15.66
C TYR B 143 -6.42 14.85 -15.78
N MET B 144 -5.56 15.80 -16.13
CA MET B 144 -6.00 17.20 -16.13
C MET B 144 -7.05 17.48 -17.20
N GLU B 145 -7.12 16.67 -18.26
CA GLU B 145 -8.17 16.87 -19.25
C GLU B 145 -9.56 16.73 -18.64
N SER B 146 -9.71 15.84 -17.65
CA SER B 146 -10.99 15.73 -16.96
C SER B 146 -11.32 16.96 -16.13
N LEU B 147 -10.30 17.74 -15.74
CA LEU B 147 -10.56 18.95 -14.95
C LEU B 147 -11.10 20.08 -15.81
N LEU B 148 -10.59 20.22 -17.03
CA LEU B 148 -11.03 21.28 -17.93
C LEU B 148 -11.74 20.69 -19.15
#